data_1NK7
#
_entry.id   1NK7
#
_cell.length_a   87.225
_cell.length_b   93.390
_cell.length_c   106.267
_cell.angle_alpha   90.00
_cell.angle_beta   90.00
_cell.angle_gamma   90.00
#
_symmetry.space_group_name_H-M   'P 21 21 21'
#
loop_
_entity.id
_entity.type
_entity.pdbx_description
1 polymer 'DNA PRIMER STRAND'
2 polymer 'DNA TEMPLATE STRAND'
3 polymer 'DNA POLYMERASE I'
4 branched beta-D-fructofuranose-(2-1)-alpha-D-glucopyranose
5 non-polymer 'SULFATE ION'
6 non-polymer 'MAGNESIUM ION'
7 water water
#
loop_
_entity_poly.entity_id
_entity_poly.type
_entity_poly.pdbx_seq_one_letter_code
_entity_poly.pdbx_strand_id
1 'polydeoxyribonucleotide' (DG)(DC)(DA)(DT)(DC)(DA)(DT)(DG)(DC)(DG) B
2 'polydeoxyribonucleotide' (DC)(DC)(DC)(DG)(DA)(DG)(DC)(DA)(DT)(DG)(DA)(DT)(DG)(DC)(DA) C
3 'polypeptide(L)'
;AKMAFTLADRVTEEMLADKAALVVEVVEENYHDAPIVGIAVVNEHGRFFLRPETALADPQFVAWLGDETKKKSMFDSKRA
AVALKWKGIELCGVSFDLLLAAYLLDPAQGVDDVAAAAKMKQYEAVRPDEAVYGKGAKRAVPDEPVLAEHLVRKAAAIWE
LERPFLDELRRNEQDRLLVELEQPLSSILAEMEFAGVKVDTKRLEQMGKELAEQLGTVEQRIYELAGQEFNINSPKQLGV
ILFEKLQLPVLKKTKTGYSTSADVLEKLAPYHEIVENILHYRQLGKLQSTYIEGLLKVVRPDTKKVHTIFNQALTQTGRL
SSTEPNLQNIPIRLEEGRKIRQAFVPSESDWLIFAADYSQIELRVLAHIAEDDNLMEAFRRDLDIHTKTAMDIFQVSEDE
VTPNMRRQAKAVNFGIVYGISDYGLAQNLNISRKEAAEFIERYFESFPGVKRYMENIVQEAKQKGYVTTLLHRRRYLPDI
TSRNFNVRSFAERMAMNTPIQGSAADIIKKAMIDLNARLKEERLQAHLLLQVHDELILEAPKEEMERLCRLVPEVMEQAV
TLRVPLKVDYHYGSTWYDAK
;
A
#
# COMPACT_ATOMS: atom_id res chain seq x y z
N ALA C 1 -26.51 -30.57 -11.56
CA ALA C 1 -25.52 -29.69 -10.86
C ALA C 1 -24.70 -28.86 -11.84
N LYS C 2 -24.33 -29.44 -12.98
CA LYS C 2 -23.54 -28.73 -13.98
C LYS C 2 -24.27 -27.47 -14.45
N MET C 3 -23.49 -26.44 -14.78
CA MET C 3 -24.07 -25.18 -15.25
C MET C 3 -24.01 -25.13 -16.78
N ALA C 4 -25.13 -24.77 -17.38
CA ALA C 4 -25.22 -24.69 -18.83
C ALA C 4 -24.54 -23.45 -19.40
N PHE C 5 -23.93 -23.62 -20.56
CA PHE C 5 -23.27 -22.50 -21.23
C PHE C 5 -22.88 -22.91 -22.65
N THR C 6 -22.72 -21.93 -23.51
CA THR C 6 -22.32 -22.17 -24.89
C THR C 6 -20.81 -22.02 -25.04
N LEU C 7 -20.15 -23.09 -25.48
CA LEU C 7 -18.71 -23.02 -25.70
C LEU C 7 -18.61 -22.63 -27.17
N ALA C 8 -18.59 -21.32 -27.42
CA ALA C 8 -18.55 -20.79 -28.78
C ALA C 8 -17.22 -20.88 -29.52
N ASP C 9 -17.31 -21.04 -30.83
CA ASP C 9 -16.14 -21.12 -31.70
C ASP C 9 -15.92 -19.76 -32.36
N ARG C 10 -16.90 -18.89 -32.23
CA ARG C 10 -16.82 -17.54 -32.79
C ARG C 10 -17.75 -16.57 -32.07
N VAL C 11 -17.41 -15.29 -32.10
CA VAL C 11 -18.21 -14.25 -31.44
C VAL C 11 -19.50 -13.94 -32.20
N THR C 12 -20.59 -13.76 -31.45
CA THR C 12 -21.88 -13.43 -32.03
C THR C 12 -22.46 -12.19 -31.35
N GLU C 13 -23.40 -11.53 -32.01
CA GLU C 13 -24.02 -10.33 -31.48
C GLU C 13 -24.59 -10.51 -30.06
N GLU C 14 -25.19 -11.67 -29.83
CA GLU C 14 -25.77 -11.99 -28.53
C GLU C 14 -24.76 -11.77 -27.40
N MET C 15 -23.50 -11.99 -27.70
CA MET C 15 -22.43 -11.84 -26.73
C MET C 15 -22.02 -10.40 -26.48
N LEU C 16 -22.53 -9.48 -27.31
CA LEU C 16 -22.18 -8.08 -27.18
C LEU C 16 -23.28 -7.17 -26.64
N ALA C 17 -24.04 -7.67 -25.67
CA ALA C 17 -25.12 -6.89 -25.06
C ALA C 17 -24.53 -5.70 -24.30
N ASP C 18 -25.36 -4.70 -23.98
CA ASP C 18 -24.86 -3.52 -23.29
C ASP C 18 -24.64 -3.68 -21.77
N LYS C 19 -24.79 -4.89 -21.26
CA LYS C 19 -24.54 -5.19 -19.86
C LYS C 19 -24.21 -6.67 -19.74
N ALA C 20 -23.08 -6.96 -19.09
CA ALA C 20 -22.68 -8.34 -18.95
C ALA C 20 -21.65 -8.53 -17.85
N ALA C 21 -21.59 -9.74 -17.32
CA ALA C 21 -20.60 -10.08 -16.33
C ALA C 21 -19.49 -10.59 -17.26
N LEU C 22 -18.30 -10.04 -17.09
CA LEU C 22 -17.18 -10.41 -17.95
C LEU C 22 -16.00 -10.98 -17.17
N VAL C 23 -15.44 -12.08 -17.68
CA VAL C 23 -14.27 -12.71 -17.10
C VAL C 23 -13.20 -12.83 -18.18
N VAL C 24 -12.04 -12.20 -17.91
CA VAL C 24 -10.88 -12.25 -18.81
C VAL C 24 -9.83 -12.82 -17.87
N GLU C 25 -9.74 -14.15 -17.86
CA GLU C 25 -8.87 -14.87 -16.96
C GLU C 25 -7.36 -14.85 -17.18
N VAL C 26 -6.65 -14.37 -16.18
CA VAL C 26 -5.18 -14.34 -16.19
C VAL C 26 -4.78 -15.13 -14.94
N VAL C 27 -4.24 -16.33 -15.16
CA VAL C 27 -3.86 -17.20 -14.05
C VAL C 27 -2.56 -16.82 -13.35
N GLU C 28 -1.56 -16.38 -14.11
CA GLU C 28 -0.27 -15.97 -13.54
C GLU C 28 -0.53 -14.87 -12.51
N GLU C 29 0.03 -15.03 -11.30
CA GLU C 29 -0.18 -14.03 -10.26
C GLU C 29 0.27 -12.65 -10.69
N ASN C 30 1.40 -12.59 -11.39
CA ASN C 30 1.89 -11.32 -11.91
C ASN C 30 1.32 -11.26 -13.32
N TYR C 31 0.31 -10.43 -13.52
CA TYR C 31 -0.36 -10.30 -14.81
C TYR C 31 0.31 -9.48 -15.91
N HIS C 32 1.45 -8.86 -15.62
CA HIS C 32 2.13 -8.04 -16.63
C HIS C 32 2.64 -8.88 -17.82
N ASP C 33 2.14 -8.56 -19.01
CA ASP C 33 2.51 -9.25 -20.25
C ASP C 33 2.23 -10.74 -20.09
N ALA C 34 1.22 -11.07 -19.29
CA ALA C 34 0.84 -12.45 -19.03
C ALA C 34 -0.25 -12.92 -19.98
N PRO C 35 -0.39 -14.25 -20.13
CA PRO C 35 -1.39 -14.85 -21.01
C PRO C 35 -2.81 -14.75 -20.49
N ILE C 36 -3.76 -14.62 -21.40
CA ILE C 36 -5.17 -14.59 -21.05
C ILE C 36 -5.56 -16.01 -21.48
N VAL C 37 -5.99 -16.84 -20.53
CA VAL C 37 -6.32 -18.23 -20.81
C VAL C 37 -7.74 -18.55 -21.25
N GLY C 38 -8.66 -17.62 -21.03
CA GLY C 38 -10.03 -17.87 -21.42
C GLY C 38 -10.90 -16.67 -21.12
N ILE C 39 -12.06 -16.63 -21.76
CA ILE C 39 -12.99 -15.53 -21.57
C ILE C 39 -14.40 -16.07 -21.37
N ALA C 40 -15.11 -15.51 -20.42
CA ALA C 40 -16.48 -15.91 -20.16
C ALA C 40 -17.35 -14.68 -20.14
N VAL C 41 -18.55 -14.81 -20.71
CA VAL C 41 -19.48 -13.71 -20.76
C VAL C 41 -20.85 -14.22 -20.34
N VAL C 42 -21.49 -13.51 -19.41
CA VAL C 42 -22.83 -13.86 -18.98
C VAL C 42 -23.67 -12.61 -19.10
N ASN C 43 -24.78 -12.72 -19.81
CA ASN C 43 -25.69 -11.60 -20.00
C ASN C 43 -27.11 -12.11 -20.12
N GLU C 44 -28.03 -11.20 -20.45
CA GLU C 44 -29.44 -11.54 -20.58
C GLU C 44 -29.70 -12.70 -21.54
N HIS C 45 -28.88 -12.79 -22.60
CA HIS C 45 -29.06 -13.83 -23.60
C HIS C 45 -28.52 -15.22 -23.21
N GLY C 46 -27.68 -15.27 -22.19
CA GLY C 46 -27.15 -16.55 -21.77
C GLY C 46 -25.72 -16.50 -21.24
N ARG C 47 -25.10 -17.68 -21.16
CA ARG C 47 -23.73 -17.81 -20.68
C ARG C 47 -22.83 -18.29 -21.81
N PHE C 48 -21.68 -17.66 -21.98
CA PHE C 48 -20.76 -18.03 -23.05
C PHE C 48 -19.30 -18.15 -22.63
N PHE C 49 -18.57 -19.02 -23.34
CA PHE C 49 -17.14 -19.19 -23.10
C PHE C 49 -16.48 -18.98 -24.47
N LEU C 50 -15.43 -18.16 -24.50
CA LEU C 50 -14.73 -17.86 -25.73
C LEU C 50 -13.24 -18.08 -25.56
N ARG C 51 -12.60 -18.65 -26.58
CA ARG C 51 -11.17 -18.87 -26.54
C ARG C 51 -10.55 -17.51 -26.79
N PRO C 52 -9.50 -17.15 -26.03
CA PRO C 52 -8.84 -15.85 -26.20
C PRO C 52 -8.31 -15.54 -27.61
N GLU C 53 -7.61 -16.50 -28.20
CA GLU C 53 -7.06 -16.27 -29.54
C GLU C 53 -8.16 -16.00 -30.56
N THR C 54 -9.39 -16.36 -30.20
CA THR C 54 -10.54 -16.16 -31.07
C THR C 54 -11.17 -14.79 -30.79
N ALA C 55 -11.62 -14.60 -29.56
CA ALA C 55 -12.27 -13.36 -29.15
C ALA C 55 -11.40 -12.11 -29.32
N LEU C 56 -10.15 -12.19 -28.87
CA LEU C 56 -9.26 -11.05 -28.95
C LEU C 56 -8.77 -10.70 -30.36
N ALA C 57 -9.09 -11.55 -31.32
CA ALA C 57 -8.69 -11.29 -32.70
C ALA C 57 -9.91 -10.77 -33.44
N ASP C 58 -11.07 -10.92 -32.82
CA ASP C 58 -12.33 -10.49 -33.41
C ASP C 58 -12.56 -8.99 -33.25
N PRO C 59 -12.64 -8.27 -34.37
CA PRO C 59 -12.85 -6.81 -34.39
C PRO C 59 -14.07 -6.37 -33.58
N GLN C 60 -15.18 -7.11 -33.71
CA GLN C 60 -16.41 -6.77 -33.00
C GLN C 60 -16.25 -6.89 -31.50
N PHE C 61 -15.61 -7.96 -31.05
CA PHE C 61 -15.40 -8.18 -29.62
C PHE C 61 -14.47 -7.13 -29.02
N VAL C 62 -13.37 -6.86 -29.71
CA VAL C 62 -12.41 -5.87 -29.23
C VAL C 62 -13.09 -4.50 -29.12
N ALA C 63 -13.96 -4.18 -30.09
CA ALA C 63 -14.66 -2.91 -30.06
C ALA C 63 -15.62 -2.87 -28.87
N TRP C 64 -16.27 -4.01 -28.60
CA TRP C 64 -17.21 -4.11 -27.48
C TRP C 64 -16.45 -3.86 -26.17
N LEU C 65 -15.27 -4.47 -26.05
CA LEU C 65 -14.45 -4.30 -24.86
C LEU C 65 -14.13 -2.83 -24.61
N GLY C 66 -13.81 -2.11 -25.68
CA GLY C 66 -13.46 -0.72 -25.53
C GLY C 66 -14.60 0.29 -25.57
N ASP C 67 -15.84 -0.18 -25.68
CA ASP C 67 -16.98 0.73 -25.72
C ASP C 67 -17.45 1.02 -24.30
N GLU C 68 -17.28 2.27 -23.89
CA GLU C 68 -17.66 2.69 -22.54
C GLU C 68 -19.16 2.59 -22.27
N THR C 69 -19.96 2.50 -23.33
CA THR C 69 -21.41 2.41 -23.19
C THR C 69 -21.86 0.97 -22.97
N LYS C 70 -20.94 0.03 -23.18
CA LYS C 70 -21.25 -1.38 -22.96
C LYS C 70 -20.69 -1.65 -21.57
N LYS C 71 -21.58 -1.77 -20.59
CA LYS C 71 -21.18 -1.99 -19.21
C LYS C 71 -20.80 -3.41 -18.86
N LYS C 72 -19.73 -3.55 -18.09
CA LYS C 72 -19.25 -4.85 -17.67
C LYS C 72 -19.08 -4.92 -16.16
N SER C 73 -19.45 -6.07 -15.60
CA SER C 73 -19.29 -6.32 -14.17
C SER C 73 -18.21 -7.38 -14.08
N MET C 74 -17.18 -7.11 -13.27
CA MET C 74 -16.05 -8.02 -13.16
C MET C 74 -15.53 -8.22 -11.74
N PHE C 75 -14.46 -9.01 -11.64
CA PHE C 75 -13.77 -9.24 -10.38
C PHE C 75 -12.30 -8.97 -10.68
N ASP C 76 -11.74 -7.95 -10.05
CA ASP C 76 -10.35 -7.56 -10.28
C ASP C 76 -10.20 -7.12 -11.73
N SER C 77 -10.90 -6.06 -12.09
CA SER C 77 -10.84 -5.55 -13.46
C SER C 77 -9.45 -5.02 -13.81
N LYS C 78 -8.72 -4.52 -12.82
CA LYS C 78 -7.37 -4.00 -13.08
C LYS C 78 -6.49 -5.08 -13.71
N ARG C 79 -6.60 -6.30 -13.20
CA ARG C 79 -5.82 -7.42 -13.72
C ARG C 79 -6.11 -7.62 -15.21
N ALA C 80 -7.40 -7.61 -15.57
CA ALA C 80 -7.79 -7.80 -16.96
C ALA C 80 -7.35 -6.60 -17.80
N ALA C 81 -7.57 -5.40 -17.26
CA ALA C 81 -7.22 -4.17 -17.96
C ALA C 81 -5.73 -4.11 -18.31
N VAL C 82 -4.87 -4.45 -17.36
CA VAL C 82 -3.44 -4.41 -17.62
C VAL C 82 -3.03 -5.51 -18.60
N ALA C 83 -3.54 -6.73 -18.38
CA ALA C 83 -3.19 -7.82 -19.29
C ALA C 83 -3.56 -7.40 -20.71
N LEU C 84 -4.70 -6.73 -20.86
CA LEU C 84 -5.14 -6.28 -22.17
C LEU C 84 -4.26 -5.14 -22.70
N LYS C 85 -3.87 -4.22 -21.84
CA LYS C 85 -3.00 -3.12 -22.26
C LYS C 85 -1.73 -3.66 -22.91
N TRP C 86 -1.16 -4.73 -22.34
CA TRP C 86 0.05 -5.31 -22.90
C TRP C 86 -0.21 -5.92 -24.27
N LYS C 87 -1.48 -6.12 -24.60
CA LYS C 87 -1.88 -6.67 -25.89
C LYS C 87 -2.44 -5.57 -26.80
N GLY C 88 -2.29 -4.31 -26.38
CA GLY C 88 -2.77 -3.20 -27.18
C GLY C 88 -4.28 -3.08 -27.26
N ILE C 89 -4.97 -3.63 -26.27
CA ILE C 89 -6.43 -3.58 -26.24
C ILE C 89 -6.93 -2.79 -25.03
N GLU C 90 -7.89 -1.91 -25.26
CA GLU C 90 -8.45 -1.06 -24.21
C GLU C 90 -9.75 -1.63 -23.63
N LEU C 91 -9.83 -1.68 -22.31
CA LEU C 91 -11.02 -2.16 -21.63
C LEU C 91 -11.73 -0.95 -21.03
N CYS C 92 -12.99 -0.75 -21.38
CA CYS C 92 -13.76 0.37 -20.85
C CYS C 92 -15.14 -0.12 -20.42
N GLY C 93 -15.88 0.75 -19.73
CA GLY C 93 -17.23 0.38 -19.31
C GLY C 93 -17.38 -0.50 -18.10
N VAL C 94 -16.31 -0.72 -17.34
CA VAL C 94 -16.42 -1.54 -16.15
C VAL C 94 -17.15 -0.70 -15.11
N SER C 95 -18.39 -1.08 -14.81
CA SER C 95 -19.20 -0.32 -13.86
C SER C 95 -19.30 -0.95 -12.48
N PHE C 96 -18.81 -2.18 -12.33
CA PHE C 96 -18.85 -2.87 -11.05
C PHE C 96 -17.72 -3.88 -10.95
N ASP C 97 -16.93 -3.77 -9.88
CA ASP C 97 -15.81 -4.68 -9.65
C ASP C 97 -16.09 -5.38 -8.31
N LEU C 98 -16.45 -6.66 -8.36
CA LEU C 98 -16.76 -7.43 -7.16
C LEU C 98 -15.62 -7.48 -6.12
N LEU C 99 -14.38 -7.48 -6.58
CA LEU C 99 -13.25 -7.52 -5.61
C LEU C 99 -13.26 -6.25 -4.75
N LEU C 100 -13.36 -5.10 -5.40
CA LEU C 100 -13.36 -3.84 -4.69
C LEU C 100 -14.61 -3.71 -3.82
N ALA C 101 -15.73 -4.23 -4.29
CA ALA C 101 -16.97 -4.19 -3.54
C ALA C 101 -16.81 -4.99 -2.24
N ALA C 102 -16.31 -6.22 -2.36
CA ALA C 102 -16.12 -7.07 -1.19
C ALA C 102 -15.12 -6.42 -0.23
N TYR C 103 -14.07 -5.85 -0.79
CA TYR C 103 -13.03 -5.21 0.00
C TYR C 103 -13.61 -4.08 0.87
N LEU C 104 -14.46 -3.24 0.28
CA LEU C 104 -15.05 -2.15 1.03
C LEU C 104 -16.03 -2.63 2.08
N LEU C 105 -16.78 -3.70 1.79
CA LEU C 105 -17.74 -4.22 2.74
C LEU C 105 -17.05 -4.78 3.98
N ASP C 106 -15.91 -5.41 3.78
CA ASP C 106 -15.16 -5.95 4.91
C ASP C 106 -13.74 -6.34 4.52
N PRO C 107 -12.78 -5.43 4.71
CA PRO C 107 -11.37 -5.64 4.39
C PRO C 107 -10.78 -6.87 5.07
N ALA C 108 -11.29 -7.18 6.26
CA ALA C 108 -10.79 -8.31 7.04
C ALA C 108 -11.07 -9.68 6.43
N GLN C 109 -12.07 -9.78 5.56
CA GLN C 109 -12.39 -11.06 4.94
C GLN C 109 -11.24 -11.62 4.12
N GLY C 110 -10.38 -10.75 3.60
CA GLY C 110 -9.26 -11.21 2.80
C GLY C 110 -9.71 -11.81 1.47
N VAL C 111 -10.85 -11.35 0.97
CA VAL C 111 -11.38 -11.85 -0.28
C VAL C 111 -10.37 -11.67 -1.41
N ASP C 112 -10.00 -12.78 -2.04
CA ASP C 112 -9.06 -12.71 -3.16
C ASP C 112 -9.46 -13.56 -4.36
N ASP C 113 -10.72 -14.00 -4.38
CA ASP C 113 -11.26 -14.73 -5.53
C ASP C 113 -12.77 -14.66 -5.50
N VAL C 114 -13.39 -14.91 -6.64
CA VAL C 114 -14.84 -14.85 -6.72
C VAL C 114 -15.55 -15.72 -5.68
N ALA C 115 -15.03 -16.92 -5.47
CA ALA C 115 -15.65 -17.83 -4.52
C ALA C 115 -15.75 -17.21 -3.12
N ALA C 116 -14.67 -16.58 -2.67
CA ALA C 116 -14.64 -15.96 -1.35
C ALA C 116 -15.64 -14.83 -1.21
N ALA C 117 -15.77 -14.02 -2.26
CA ALA C 117 -16.71 -12.91 -2.23
C ALA C 117 -18.13 -13.47 -2.24
N ALA C 118 -18.35 -14.50 -3.04
CA ALA C 118 -19.67 -15.10 -3.14
C ALA C 118 -20.13 -15.75 -1.83
N LYS C 119 -19.19 -16.34 -1.10
CA LYS C 119 -19.55 -16.98 0.17
C LYS C 119 -20.11 -15.97 1.16
N MET C 120 -19.75 -14.70 1.00
CA MET C 120 -20.23 -13.64 1.88
C MET C 120 -21.76 -13.54 1.83
N LYS C 121 -22.33 -13.89 0.68
CA LYS C 121 -23.78 -13.84 0.48
C LYS C 121 -24.40 -15.24 0.34
N GLN C 122 -23.77 -16.23 0.95
CA GLN C 122 -24.29 -17.61 0.90
C GLN C 122 -24.43 -18.18 -0.51
N TYR C 123 -23.57 -17.73 -1.43
CA TYR C 123 -23.58 -18.24 -2.80
C TYR C 123 -22.34 -19.13 -2.89
N GLU C 124 -22.53 -20.41 -3.16
CA GLU C 124 -21.39 -21.33 -3.25
C GLU C 124 -21.34 -22.18 -4.51
N ALA C 125 -22.04 -21.74 -5.56
CA ALA C 125 -22.06 -22.47 -6.83
C ALA C 125 -20.87 -22.09 -7.71
N VAL C 126 -19.72 -21.91 -7.08
CA VAL C 126 -18.50 -21.56 -7.79
C VAL C 126 -17.32 -22.05 -6.94
N ARG C 127 -16.30 -22.60 -7.59
CA ARG C 127 -15.15 -23.13 -6.87
C ARG C 127 -14.05 -22.09 -6.65
N PRO C 128 -13.26 -22.26 -5.59
CA PRO C 128 -12.16 -21.31 -5.31
C PRO C 128 -11.15 -21.50 -6.43
N ASP C 129 -10.43 -20.44 -6.81
CA ASP C 129 -9.44 -20.56 -7.88
C ASP C 129 -8.36 -21.57 -7.52
N GLU C 130 -7.93 -21.56 -6.27
CA GLU C 130 -6.88 -22.46 -5.83
C GLU C 130 -7.26 -23.93 -6.03
N ALA C 131 -8.54 -24.23 -5.86
CA ALA C 131 -9.03 -25.59 -6.04
C ALA C 131 -8.95 -26.01 -7.50
N VAL C 132 -9.18 -25.06 -8.40
CA VAL C 132 -9.14 -25.36 -9.83
C VAL C 132 -7.73 -25.33 -10.42
N TYR C 133 -6.96 -24.32 -10.03
CA TYR C 133 -5.60 -24.15 -10.55
C TYR C 133 -4.48 -24.77 -9.71
N GLY C 134 -4.75 -25.05 -8.44
CA GLY C 134 -3.72 -25.60 -7.58
C GLY C 134 -2.84 -24.49 -7.05
N LYS C 135 -1.84 -24.84 -6.22
CA LYS C 135 -0.96 -23.82 -5.65
C LYS C 135 0.51 -24.10 -5.91
N GLY C 136 1.35 -23.11 -5.62
CA GLY C 136 2.79 -23.25 -5.81
C GLY C 136 3.17 -23.28 -7.28
N ALA C 137 4.02 -24.24 -7.64
CA ALA C 137 4.46 -24.38 -9.02
C ALA C 137 3.54 -25.39 -9.70
N LYS C 138 2.95 -26.26 -8.90
CA LYS C 138 2.04 -27.27 -9.41
C LYS C 138 0.72 -26.61 -9.85
N ARG C 139 0.75 -25.28 -9.94
CA ARG C 139 -0.41 -24.50 -10.36
C ARG C 139 -0.50 -24.37 -11.87
N ALA C 140 -1.34 -25.20 -12.49
CA ALA C 140 -1.50 -25.18 -13.94
C ALA C 140 -2.94 -24.97 -14.37
N VAL C 141 -3.11 -24.58 -15.64
CA VAL C 141 -4.43 -24.36 -16.21
C VAL C 141 -4.99 -25.72 -16.62
N PRO C 142 -6.20 -26.08 -16.16
CA PRO C 142 -6.80 -27.36 -16.50
C PRO C 142 -7.27 -27.43 -17.95
N ASP C 143 -7.75 -28.61 -18.37
CA ASP C 143 -8.25 -28.80 -19.73
C ASP C 143 -9.46 -27.88 -19.96
N GLU C 144 -9.72 -27.58 -21.22
CA GLU C 144 -10.82 -26.69 -21.60
C GLU C 144 -12.17 -26.94 -20.93
N PRO C 145 -12.62 -28.21 -20.85
CA PRO C 145 -13.91 -28.49 -20.21
C PRO C 145 -13.97 -27.97 -18.77
N VAL C 146 -12.90 -28.19 -18.02
CA VAL C 146 -12.83 -27.75 -16.64
C VAL C 146 -12.65 -26.23 -16.55
N LEU C 147 -11.78 -25.69 -17.38
CA LEU C 147 -11.52 -24.25 -17.39
C LEU C 147 -12.78 -23.46 -17.76
N ALA C 148 -13.41 -23.85 -18.85
CA ALA C 148 -14.61 -23.18 -19.33
C ALA C 148 -15.74 -23.14 -18.31
N GLU C 149 -15.99 -24.24 -17.61
CA GLU C 149 -17.06 -24.25 -16.63
C GLU C 149 -16.73 -23.32 -15.47
N HIS C 150 -15.47 -23.32 -15.04
CA HIS C 150 -15.05 -22.47 -13.94
C HIS C 150 -15.24 -20.99 -14.27
N LEU C 151 -14.80 -20.57 -15.46
CA LEU C 151 -14.93 -19.17 -15.85
C LEU C 151 -16.39 -18.78 -15.98
N VAL C 152 -17.22 -19.70 -16.46
CA VAL C 152 -18.64 -19.41 -16.60
C VAL C 152 -19.27 -19.28 -15.21
N ARG C 153 -18.91 -20.18 -14.30
CA ARG C 153 -19.46 -20.11 -12.95
C ARG C 153 -19.03 -18.83 -12.23
N LYS C 154 -17.83 -18.34 -12.53
CA LYS C 154 -17.39 -17.09 -11.91
C LYS C 154 -18.19 -15.90 -12.47
N ALA C 155 -18.38 -15.90 -13.79
CA ALA C 155 -19.15 -14.86 -14.45
C ALA C 155 -20.59 -14.87 -13.94
N ALA C 156 -21.14 -16.06 -13.75
CA ALA C 156 -22.50 -16.21 -13.27
C ALA C 156 -22.63 -15.69 -11.85
N ALA C 157 -21.61 -15.93 -11.02
CA ALA C 157 -21.64 -15.45 -9.64
C ALA C 157 -21.64 -13.93 -9.65
N ILE C 158 -20.77 -13.35 -10.46
CA ILE C 158 -20.68 -11.90 -10.57
C ILE C 158 -22.02 -11.33 -11.04
N TRP C 159 -22.62 -11.98 -12.03
CA TRP C 159 -23.91 -11.55 -12.59
C TRP C 159 -24.98 -11.53 -11.51
N GLU C 160 -24.98 -12.56 -10.67
CA GLU C 160 -25.95 -12.71 -9.59
C GLU C 160 -25.73 -11.83 -8.37
N LEU C 161 -24.46 -11.65 -8.01
CA LEU C 161 -24.09 -10.90 -6.82
C LEU C 161 -24.01 -9.39 -6.92
N GLU C 162 -23.98 -8.84 -8.12
CA GLU C 162 -23.87 -7.40 -8.28
C GLU C 162 -24.92 -6.62 -7.49
N ARG C 163 -26.18 -6.98 -7.65
CA ARG C 163 -27.24 -6.25 -6.94
C ARG C 163 -27.14 -6.31 -5.42
N PRO C 164 -27.02 -7.52 -4.84
CA PRO C 164 -26.93 -7.55 -3.37
C PRO C 164 -25.72 -6.81 -2.81
N PHE C 165 -24.60 -6.84 -3.53
CA PHE C 165 -23.41 -6.13 -3.05
C PHE C 165 -23.62 -4.62 -3.12
N LEU C 166 -24.18 -4.14 -4.23
CA LEU C 166 -24.44 -2.71 -4.38
C LEU C 166 -25.45 -2.24 -3.35
N ASP C 167 -26.45 -3.09 -3.07
CA ASP C 167 -27.47 -2.73 -2.08
C ASP C 167 -26.86 -2.57 -0.69
N GLU C 168 -26.00 -3.50 -0.29
CA GLU C 168 -25.37 -3.39 1.01
C GLU C 168 -24.43 -2.17 1.06
N LEU C 169 -23.68 -1.95 -0.01
CA LEU C 169 -22.79 -0.79 -0.05
C LEU C 169 -23.61 0.48 0.16
N ARG C 170 -24.76 0.54 -0.49
CA ARG C 170 -25.65 1.70 -0.37
C ARG C 170 -26.08 1.88 1.08
N ARG C 171 -26.45 0.78 1.73
CA ARG C 171 -26.87 0.81 3.14
C ARG C 171 -25.73 1.33 4.02
N ASN C 172 -24.50 0.96 3.69
CA ASN C 172 -23.31 1.38 4.43
C ASN C 172 -22.85 2.79 4.06
N GLU C 173 -23.53 3.41 3.09
CA GLU C 173 -23.16 4.73 2.61
C GLU C 173 -21.78 4.63 1.94
N GLN C 174 -21.56 3.53 1.24
CA GLN C 174 -20.30 3.30 0.56
C GLN C 174 -20.47 3.18 -0.95
N ASP C 175 -21.66 3.53 -1.46
CA ASP C 175 -21.89 3.43 -2.89
C ASP C 175 -20.97 4.37 -3.67
N ARG C 176 -20.83 5.61 -3.23
CA ARG C 176 -19.96 6.55 -3.91
C ARG C 176 -18.49 6.18 -3.71
N LEU C 177 -18.18 5.55 -2.58
CA LEU C 177 -16.81 5.15 -2.30
C LEU C 177 -16.35 4.15 -3.36
N LEU C 178 -17.25 3.25 -3.76
CA LEU C 178 -16.92 2.27 -4.80
C LEU C 178 -16.92 2.89 -6.20
N VAL C 179 -18.02 3.55 -6.54
CA VAL C 179 -18.19 4.15 -7.87
C VAL C 179 -17.40 5.40 -8.20
N GLU C 180 -17.23 6.29 -7.23
CA GLU C 180 -16.51 7.52 -7.49
C GLU C 180 -15.07 7.55 -7.00
N LEU C 181 -14.66 6.59 -6.17
CA LEU C 181 -13.28 6.58 -5.69
C LEU C 181 -12.48 5.33 -6.10
N GLU C 182 -12.79 4.18 -5.51
CA GLU C 182 -12.04 2.96 -5.82
C GLU C 182 -12.07 2.49 -7.28
N GLN C 183 -13.24 2.44 -7.92
CA GLN C 183 -13.27 1.98 -9.30
C GLN C 183 -12.51 2.92 -10.24
N PRO C 184 -12.67 4.25 -10.09
CA PRO C 184 -11.93 5.14 -10.99
C PRO C 184 -10.43 5.02 -10.70
N LEU C 185 -10.08 4.82 -9.44
CA LEU C 185 -8.67 4.68 -9.05
C LEU C 185 -8.06 3.43 -9.67
N SER C 186 -8.84 2.35 -9.75
CA SER C 186 -8.36 1.10 -10.33
C SER C 186 -7.78 1.33 -11.73
N SER C 187 -8.48 2.11 -12.53
CA SER C 187 -8.05 2.42 -13.89
C SER C 187 -6.76 3.24 -13.88
N ILE C 188 -6.63 4.14 -12.92
CA ILE C 188 -5.44 4.97 -12.81
C ILE C 188 -4.24 4.09 -12.40
N LEU C 189 -4.46 3.19 -11.45
CA LEU C 189 -3.41 2.29 -10.99
C LEU C 189 -2.97 1.39 -12.14
N ALA C 190 -3.91 0.99 -12.99
CA ALA C 190 -3.61 0.14 -14.14
C ALA C 190 -2.64 0.88 -15.09
N GLU C 191 -2.92 2.16 -15.34
CA GLU C 191 -2.06 2.94 -16.22
C GLU C 191 -0.67 3.08 -15.62
N MET C 192 -0.60 3.32 -14.31
CA MET C 192 0.67 3.48 -13.60
C MET C 192 1.52 2.23 -13.69
N GLU C 193 0.91 1.09 -13.38
CA GLU C 193 1.60 -0.19 -13.42
C GLU C 193 2.09 -0.52 -14.83
N PHE C 194 1.23 -0.28 -15.81
CA PHE C 194 1.56 -0.56 -17.20
C PHE C 194 2.71 0.32 -17.70
N ALA C 195 2.73 1.57 -17.26
CA ALA C 195 3.77 2.51 -17.68
C ALA C 195 5.11 2.06 -17.10
N GLY C 196 5.10 1.66 -15.84
CA GLY C 196 6.32 1.21 -15.19
C GLY C 196 7.26 2.34 -14.89
N VAL C 197 8.37 2.03 -14.23
CA VAL C 197 9.38 3.01 -13.88
C VAL C 197 10.72 2.53 -14.45
N LYS C 198 11.38 3.40 -15.20
CA LYS C 198 12.67 3.06 -15.81
C LYS C 198 13.73 2.97 -14.74
N VAL C 199 14.60 1.97 -14.85
CA VAL C 199 15.68 1.76 -13.90
C VAL C 199 17.03 1.85 -14.59
N ASP C 200 18.00 2.47 -13.93
CA ASP C 200 19.35 2.61 -14.46
C ASP C 200 20.06 1.37 -13.94
N THR C 201 19.99 0.27 -14.70
CA THR C 201 20.61 -0.97 -14.28
C THR C 201 22.12 -0.87 -14.08
N LYS C 202 22.79 -0.12 -14.95
CA LYS C 202 24.24 0.05 -14.82
C LYS C 202 24.56 0.67 -13.47
N ARG C 203 23.77 1.68 -13.08
CA ARG C 203 23.98 2.35 -11.80
C ARG C 203 23.81 1.35 -10.66
N LEU C 204 22.76 0.53 -10.72
CA LEU C 204 22.51 -0.45 -9.69
C LEU C 204 23.66 -1.45 -9.58
N GLU C 205 24.13 -1.94 -10.72
CA GLU C 205 25.22 -2.90 -10.74
C GLU C 205 26.48 -2.33 -10.11
N GLN C 206 26.79 -1.08 -10.43
CA GLN C 206 27.97 -0.44 -9.85
C GLN C 206 27.82 -0.41 -8.33
N MET C 207 26.65 0.01 -7.87
CA MET C 207 26.38 0.06 -6.43
C MET C 207 26.53 -1.33 -5.84
N GLY C 208 26.06 -2.33 -6.58
CA GLY C 208 26.16 -3.70 -6.13
C GLY C 208 27.60 -4.10 -5.90
N LYS C 209 28.48 -3.65 -6.79
CA LYS C 209 29.90 -3.95 -6.70
C LYS C 209 30.49 -3.29 -5.46
N GLU C 210 30.22 -2.00 -5.30
CA GLU C 210 30.72 -1.25 -4.16
C GLU C 210 30.21 -1.80 -2.83
N LEU C 211 28.96 -2.24 -2.81
CA LEU C 211 28.39 -2.81 -1.59
C LEU C 211 29.04 -4.14 -1.25
N ALA C 212 29.17 -5.01 -2.26
CA ALA C 212 29.78 -6.32 -2.07
C ALA C 212 31.19 -6.18 -1.51
N GLU C 213 31.83 -5.07 -1.83
CA GLU C 213 33.18 -4.78 -1.37
C GLU C 213 33.13 -4.37 0.10
N GLN C 214 32.21 -3.46 0.41
CA GLN C 214 32.04 -2.97 1.78
C GLN C 214 31.58 -4.10 2.69
N LEU C 215 30.76 -5.00 2.15
CA LEU C 215 30.27 -6.14 2.92
C LEU C 215 31.39 -7.09 3.26
N GLY C 216 32.28 -7.32 2.29
CA GLY C 216 33.39 -8.21 2.51
C GLY C 216 34.30 -7.71 3.62
N THR C 217 34.48 -6.38 3.66
CA THR C 217 35.33 -5.75 4.65
C THR C 217 34.68 -5.78 6.04
N VAL C 218 33.39 -5.46 6.10
CA VAL C 218 32.67 -5.47 7.37
C VAL C 218 32.53 -6.90 7.88
N GLU C 219 32.34 -7.84 6.95
CA GLU C 219 32.19 -9.24 7.30
C GLU C 219 33.47 -9.79 7.90
N GLN C 220 34.59 -9.49 7.25
CA GLN C 220 35.89 -9.96 7.72
C GLN C 220 36.19 -9.38 9.10
N ARG C 221 35.94 -8.09 9.26
CA ARG C 221 36.17 -7.41 10.52
C ARG C 221 35.38 -8.09 11.64
N ILE C 222 34.14 -8.48 11.33
CA ILE C 222 33.28 -9.14 12.30
C ILE C 222 33.85 -10.48 12.75
N TYR C 223 34.45 -11.23 11.85
CA TYR C 223 35.03 -12.52 12.21
C TYR C 223 36.29 -12.27 13.03
N GLU C 224 36.97 -11.18 12.69
CA GLU C 224 38.20 -10.79 13.37
C GLU C 224 37.91 -10.42 14.82
N LEU C 225 36.74 -9.83 15.06
CA LEU C 225 36.34 -9.42 16.40
C LEU C 225 35.71 -10.58 17.17
N ALA C 226 35.28 -11.61 16.45
CA ALA C 226 34.67 -12.77 17.08
C ALA C 226 35.65 -13.92 17.23
N GLY C 227 36.79 -13.81 16.55
CA GLY C 227 37.80 -14.84 16.62
C GLY C 227 37.44 -16.10 15.84
N GLN C 228 36.41 -16.00 15.00
CA GLN C 228 35.98 -17.14 14.20
C GLN C 228 34.89 -16.73 13.21
N GLU C 229 34.65 -17.58 12.23
CA GLU C 229 33.64 -17.30 11.22
C GLU C 229 32.29 -17.93 11.57
N PHE C 230 31.22 -17.32 11.09
CA PHE C 230 29.86 -17.81 11.35
C PHE C 230 28.86 -17.06 10.47
N ASN C 231 27.64 -17.58 10.38
CA ASN C 231 26.62 -16.93 9.56
C ASN C 231 25.97 -15.79 10.31
N ILE C 232 26.40 -14.56 10.01
CA ILE C 232 25.86 -13.38 10.68
C ILE C 232 24.36 -13.24 10.44
N ASN C 233 23.89 -13.75 9.30
CA ASN C 233 22.47 -13.67 8.96
C ASN C 233 21.65 -14.70 9.74
N SER C 234 22.34 -15.50 10.55
CA SER C 234 21.71 -16.53 11.37
C SER C 234 21.51 -16.04 12.79
N PRO C 235 20.29 -15.61 13.14
CA PRO C 235 20.04 -15.11 14.50
C PRO C 235 20.45 -16.13 15.57
N LYS C 236 20.49 -17.40 15.17
CA LYS C 236 20.88 -18.48 16.08
C LYS C 236 22.39 -18.49 16.28
N GLN C 237 23.14 -18.46 15.18
CA GLN C 237 24.60 -18.47 15.25
C GLN C 237 25.13 -17.17 15.85
N LEU C 238 24.47 -16.06 15.53
CA LEU C 238 24.86 -14.76 16.03
C LEU C 238 24.72 -14.74 17.55
N GLY C 239 23.54 -15.12 18.03
CA GLY C 239 23.27 -15.14 19.46
C GLY C 239 24.32 -15.91 20.24
N VAL C 240 24.83 -16.99 19.67
CA VAL C 240 25.85 -17.79 20.32
C VAL C 240 27.17 -17.03 20.42
N ILE C 241 27.49 -16.26 19.39
CA ILE C 241 28.73 -15.48 19.37
C ILE C 241 28.67 -14.29 20.32
N LEU C 242 27.52 -13.62 20.36
CA LEU C 242 27.37 -12.45 21.20
C LEU C 242 27.17 -12.73 22.69
N PHE C 243 26.16 -13.53 23.01
CA PHE C 243 25.83 -13.83 24.39
C PHE C 243 26.55 -15.01 25.05
N GLU C 244 27.32 -15.76 24.27
CA GLU C 244 28.05 -16.90 24.82
C GLU C 244 29.56 -16.75 24.71
N LYS C 245 30.07 -16.69 23.49
CA LYS C 245 31.52 -16.54 23.30
C LYS C 245 32.03 -15.17 23.75
N LEU C 246 31.24 -14.12 23.51
CA LEU C 246 31.65 -12.77 23.90
C LEU C 246 31.10 -12.32 25.25
N GLN C 247 30.15 -13.07 25.80
CA GLN C 247 29.58 -12.78 27.10
C GLN C 247 28.80 -11.47 27.23
N LEU C 248 28.29 -10.95 26.12
CA LEU C 248 27.52 -9.72 26.18
C LEU C 248 26.26 -9.95 27.02
N PRO C 249 25.79 -8.92 27.73
CA PRO C 249 24.58 -9.04 28.56
C PRO C 249 23.29 -9.27 27.77
N VAL C 250 22.36 -9.99 28.39
CA VAL C 250 21.07 -10.28 27.77
C VAL C 250 20.05 -9.29 28.31
N LEU C 251 19.68 -8.33 27.48
CA LEU C 251 18.72 -7.30 27.87
C LEU C 251 17.30 -7.66 27.45
N LYS C 252 17.17 -8.73 26.65
CA LYS C 252 15.89 -9.21 26.17
C LYS C 252 16.08 -10.44 25.31
N LYS C 253 15.11 -11.35 25.33
CA LYS C 253 15.19 -12.58 24.54
C LYS C 253 14.09 -12.70 23.51
N THR C 254 14.04 -13.86 22.85
CA THR C 254 13.04 -14.17 21.85
C THR C 254 12.47 -15.56 22.12
N LYS C 255 11.38 -15.91 21.45
CA LYS C 255 10.75 -17.21 21.63
C LYS C 255 11.72 -18.37 21.46
N THR C 256 12.56 -18.29 20.44
CA THR C 256 13.52 -19.36 20.14
C THR C 256 14.96 -19.10 20.57
N GLY C 257 15.18 -18.11 21.44
CA GLY C 257 16.53 -17.80 21.89
C GLY C 257 16.71 -16.38 22.36
N TYR C 258 17.85 -15.78 22.02
CA TYR C 258 18.13 -14.40 22.42
C TYR C 258 17.70 -13.45 21.30
N SER C 259 17.35 -12.23 21.68
CA SER C 259 16.94 -11.22 20.72
C SER C 259 18.14 -10.45 20.19
N THR C 260 18.23 -10.31 18.87
CA THR C 260 19.32 -9.58 18.26
C THR C 260 18.76 -8.46 17.37
N SER C 261 17.59 -7.96 17.75
CA SER C 261 16.94 -6.89 17.01
C SER C 261 17.74 -5.60 17.12
N ALA C 262 17.48 -4.67 16.20
CA ALA C 262 18.18 -3.39 16.21
C ALA C 262 17.94 -2.71 17.55
N ASP C 263 16.76 -2.94 18.11
CA ASP C 263 16.37 -2.37 19.39
C ASP C 263 17.31 -2.85 20.51
N VAL C 264 17.92 -4.01 20.30
CA VAL C 264 18.83 -4.59 21.27
C VAL C 264 20.29 -4.24 21.03
N LEU C 265 20.78 -4.54 19.83
CA LEU C 265 22.17 -4.27 19.48
C LEU C 265 22.58 -2.82 19.73
N GLU C 266 21.64 -1.89 19.58
CA GLU C 266 21.95 -0.49 19.80
C GLU C 266 22.40 -0.29 21.25
N LYS C 267 21.75 -0.99 22.17
CA LYS C 267 22.09 -0.91 23.58
C LYS C 267 23.37 -1.67 23.94
N LEU C 268 23.68 -2.70 23.17
CA LEU C 268 24.88 -3.50 23.42
C LEU C 268 26.12 -2.91 22.77
N ALA C 269 25.91 -1.93 21.91
CA ALA C 269 27.00 -1.27 21.19
C ALA C 269 28.21 -0.89 22.06
N PRO C 270 27.98 -0.18 23.17
CA PRO C 270 29.11 0.21 24.04
C PRO C 270 29.93 -0.93 24.63
N TYR C 271 29.33 -2.12 24.75
CA TYR C 271 30.05 -3.25 25.33
C TYR C 271 31.10 -3.89 24.43
N HIS C 272 30.83 -3.96 23.14
CA HIS C 272 31.79 -4.57 22.23
C HIS C 272 31.76 -3.94 20.85
N GLU C 273 32.96 -3.79 20.26
CA GLU C 273 33.12 -3.19 18.95
C GLU C 273 32.41 -3.98 17.84
N ILE C 274 32.10 -5.24 18.13
CA ILE C 274 31.45 -6.10 17.14
C ILE C 274 30.00 -5.71 16.85
N VAL C 275 29.31 -5.18 17.84
CA VAL C 275 27.91 -4.82 17.66
C VAL C 275 27.68 -3.79 16.55
N GLU C 276 28.44 -2.71 16.57
CA GLU C 276 28.30 -1.67 15.55
C GLU C 276 28.51 -2.25 14.16
N ASN C 277 29.49 -3.14 14.04
CA ASN C 277 29.79 -3.77 12.77
C ASN C 277 28.65 -4.66 12.28
N ILE C 278 28.02 -5.37 13.21
CA ILE C 278 26.91 -6.25 12.86
C ILE C 278 25.74 -5.44 12.33
N LEU C 279 25.46 -4.31 12.99
CA LEU C 279 24.36 -3.44 12.56
C LEU C 279 24.65 -2.86 11.18
N HIS C 280 25.90 -2.48 10.95
CA HIS C 280 26.30 -1.91 9.67
C HIS C 280 26.18 -2.99 8.61
N TYR C 281 26.65 -4.19 8.95
CA TYR C 281 26.59 -5.33 8.05
C TYR C 281 25.14 -5.57 7.63
N ARG C 282 24.23 -5.45 8.59
CA ARG C 282 22.82 -5.65 8.31
C ARG C 282 22.28 -4.58 7.39
N GLN C 283 22.73 -3.34 7.58
CA GLN C 283 22.27 -2.25 6.73
C GLN C 283 22.67 -2.53 5.28
N LEU C 284 23.96 -2.73 5.05
CA LEU C 284 24.46 -3.00 3.70
C LEU C 284 23.85 -4.27 3.13
N GLY C 285 23.70 -5.28 3.99
CA GLY C 285 23.12 -6.54 3.56
C GLY C 285 21.71 -6.39 3.04
N LYS C 286 20.93 -5.49 3.64
CA LYS C 286 19.56 -5.26 3.20
C LYS C 286 19.57 -4.56 1.85
N LEU C 287 20.47 -3.60 1.67
CA LEU C 287 20.56 -2.87 0.42
C LEU C 287 20.95 -3.80 -0.73
N GLN C 288 21.93 -4.67 -0.47
CA GLN C 288 22.41 -5.60 -1.48
C GLN C 288 21.36 -6.63 -1.90
N SER C 289 20.79 -7.33 -0.92
CA SER C 289 19.82 -8.38 -1.18
C SER C 289 18.45 -7.97 -1.73
N THR C 290 17.83 -7.00 -1.08
CA THR C 290 16.49 -6.55 -1.47
C THR C 290 16.44 -5.48 -2.53
N TYR C 291 17.29 -4.45 -2.40
CA TYR C 291 17.25 -3.35 -3.34
C TYR C 291 18.20 -3.37 -4.54
N ILE C 292 19.21 -4.23 -4.52
CA ILE C 292 20.11 -4.32 -5.64
C ILE C 292 19.80 -5.61 -6.38
N GLU C 293 20.11 -6.74 -5.76
CA GLU C 293 19.86 -8.04 -6.36
C GLU C 293 18.37 -8.27 -6.60
N GLY C 294 17.56 -7.95 -5.60
CA GLY C 294 16.12 -8.13 -5.71
C GLY C 294 15.47 -7.30 -6.79
N LEU C 295 15.89 -6.04 -6.92
CA LEU C 295 15.32 -5.15 -7.92
C LEU C 295 15.72 -5.62 -9.32
N LEU C 296 16.99 -5.97 -9.47
CA LEU C 296 17.52 -6.42 -10.75
C LEU C 296 16.79 -7.66 -11.27
N LYS C 297 16.32 -8.51 -10.37
CA LYS C 297 15.62 -9.74 -10.78
C LYS C 297 14.27 -9.46 -11.44
N VAL C 298 13.65 -8.33 -11.12
CA VAL C 298 12.35 -8.01 -11.69
C VAL C 298 12.36 -6.94 -12.77
N VAL C 299 13.53 -6.39 -13.09
CA VAL C 299 13.60 -5.39 -14.14
C VAL C 299 13.40 -6.10 -15.48
N ARG C 300 12.57 -5.55 -16.36
CA ARG C 300 12.35 -6.17 -17.66
C ARG C 300 13.63 -6.01 -18.49
N PRO C 301 14.22 -7.12 -18.94
CA PRO C 301 15.45 -7.11 -19.74
C PRO C 301 15.43 -6.21 -20.97
N ASP C 302 14.27 -6.06 -21.60
CA ASP C 302 14.20 -5.24 -22.80
C ASP C 302 14.04 -3.74 -22.55
N THR C 303 13.00 -3.35 -21.81
CA THR C 303 12.74 -1.94 -21.54
C THR C 303 13.51 -1.40 -20.33
N LYS C 304 13.99 -2.31 -19.50
CA LYS C 304 14.70 -1.93 -18.28
C LYS C 304 13.78 -1.19 -17.31
N LYS C 305 12.50 -1.53 -17.39
CA LYS C 305 11.51 -0.94 -16.49
C LYS C 305 11.04 -1.98 -15.49
N VAL C 306 10.52 -1.51 -14.35
CA VAL C 306 9.96 -2.41 -13.37
C VAL C 306 8.47 -2.07 -13.36
N HIS C 307 7.62 -3.09 -13.33
CA HIS C 307 6.19 -2.90 -13.34
C HIS C 307 5.60 -3.48 -12.06
N THR C 308 5.45 -2.64 -11.04
CA THR C 308 4.91 -3.11 -9.79
C THR C 308 3.42 -3.41 -9.93
N ILE C 309 2.85 -4.07 -8.93
CA ILE C 309 1.42 -4.32 -8.93
C ILE C 309 0.92 -3.74 -7.62
N PHE C 310 0.01 -2.78 -7.73
CA PHE C 310 -0.55 -2.19 -6.52
C PHE C 310 -1.76 -3.01 -6.10
N ASN C 311 -1.67 -3.66 -4.95
CA ASN C 311 -2.80 -4.42 -4.47
C ASN C 311 -3.73 -3.39 -3.84
N GLN C 312 -4.89 -3.20 -4.47
CA GLN C 312 -5.86 -2.23 -4.02
C GLN C 312 -6.87 -2.78 -3.01
N ALA C 313 -6.86 -4.10 -2.79
CA ALA C 313 -7.82 -4.72 -1.89
C ALA C 313 -7.17 -5.60 -0.83
N LEU C 314 -6.20 -5.05 -0.12
CA LEU C 314 -5.52 -5.84 0.89
C LEU C 314 -5.44 -5.23 2.29
N THR C 315 -4.95 -4.00 2.40
CA THR C 315 -4.80 -3.39 3.72
C THR C 315 -6.11 -3.15 4.46
N GLN C 316 -6.04 -3.24 5.78
CA GLN C 316 -7.20 -3.06 6.63
C GLN C 316 -7.57 -1.61 6.85
N THR C 317 -6.72 -0.70 6.38
CA THR C 317 -6.96 0.74 6.55
C THR C 317 -7.31 1.49 5.27
N GLY C 318 -7.21 0.84 4.12
CA GLY C 318 -7.55 1.52 2.88
C GLY C 318 -6.33 1.94 2.08
N ARG C 319 -5.14 1.67 2.60
CA ARG C 319 -3.91 2.00 1.89
C ARG C 319 -3.71 0.97 0.80
N LEU C 320 -2.81 1.30 -0.14
CA LEU C 320 -2.46 0.37 -1.21
C LEU C 320 -1.25 -0.38 -0.67
N SER C 321 -0.87 -1.45 -1.35
CA SER C 321 0.36 -2.16 -1.00
C SER C 321 1.00 -2.35 -2.38
N SER C 322 2.29 -2.64 -2.42
CA SER C 322 3.02 -2.80 -3.67
C SER C 322 3.92 -4.04 -3.64
N THR C 323 3.96 -4.80 -4.73
CA THR C 323 4.80 -6.01 -4.80
C THR C 323 5.46 -6.21 -6.16
N GLU C 324 6.55 -6.98 -6.17
CA GLU C 324 7.30 -7.31 -7.38
C GLU C 324 7.62 -6.21 -8.35
N PRO C 325 8.37 -5.18 -7.93
CA PRO C 325 8.92 -5.04 -6.57
C PRO C 325 8.04 -4.11 -5.76
N ASN C 326 8.30 -4.07 -4.46
CA ASN C 326 7.56 -3.17 -3.59
C ASN C 326 8.24 -1.82 -3.76
N LEU C 327 7.57 -0.88 -4.40
CA LEU C 327 8.14 0.43 -4.62
C LEU C 327 7.67 1.45 -3.59
N GLN C 328 7.16 0.94 -2.47
CA GLN C 328 6.71 1.81 -1.39
C GLN C 328 7.62 1.70 -0.18
N ASN C 329 8.76 1.03 -0.33
CA ASN C 329 9.69 0.93 0.78
C ASN C 329 11.14 1.08 0.34
N ILE C 330 11.36 1.90 -0.68
CA ILE C 330 12.69 2.18 -1.19
C ILE C 330 13.35 3.09 -0.14
N PRO C 331 14.59 2.78 0.26
CA PRO C 331 15.34 3.56 1.24
C PRO C 331 15.39 5.08 1.06
N ILE C 332 15.43 5.79 2.18
CA ILE C 332 15.50 7.25 2.16
C ILE C 332 16.04 7.81 3.48
N ARG C 333 15.90 7.05 4.55
CA ARG C 333 16.35 7.47 5.87
C ARG C 333 17.86 7.64 5.98
N LEU C 334 18.61 6.63 5.55
CA LEU C 334 20.06 6.67 5.60
C LEU C 334 20.62 6.96 4.21
N GLU C 335 21.60 7.86 4.15
CA GLU C 335 22.22 8.26 2.89
C GLU C 335 22.65 7.11 2.00
N GLU C 336 23.29 6.10 2.58
CA GLU C 336 23.75 4.95 1.82
C GLU C 336 22.62 4.25 1.07
N GLY C 337 21.47 4.11 1.73
CA GLY C 337 20.34 3.46 1.10
C GLY C 337 19.58 4.40 0.17
N ARG C 338 19.59 5.68 0.51
CA ARG C 338 18.92 6.70 -0.27
C ARG C 338 19.49 6.72 -1.69
N LYS C 339 20.78 6.44 -1.81
CA LYS C 339 21.47 6.42 -3.09
C LYS C 339 20.76 5.48 -4.08
N ILE C 340 20.04 4.50 -3.54
CA ILE C 340 19.31 3.55 -4.38
C ILE C 340 18.40 4.29 -5.35
N ARG C 341 17.81 5.38 -4.89
CA ARG C 341 16.89 6.16 -5.70
C ARG C 341 17.52 6.79 -6.93
N GLN C 342 18.84 6.88 -6.97
CA GLN C 342 19.49 7.44 -8.13
C GLN C 342 19.26 6.52 -9.32
N ALA C 343 18.90 5.27 -9.02
CA ALA C 343 18.64 4.28 -10.06
C ALA C 343 17.24 4.38 -10.69
N PHE C 344 16.36 5.20 -10.11
CA PHE C 344 15.01 5.37 -10.67
C PHE C 344 15.02 6.67 -11.45
N VAL C 345 14.97 6.52 -12.77
CA VAL C 345 15.06 7.66 -13.68
C VAL C 345 13.86 7.82 -14.61
N PRO C 346 13.75 8.98 -15.30
CA PRO C 346 12.64 9.24 -16.22
C PRO C 346 12.70 8.22 -17.38
N SER C 347 11.54 7.88 -17.94
CA SER C 347 11.47 6.91 -19.02
C SER C 347 11.79 7.46 -20.40
N GLU C 348 11.95 8.77 -20.50
CA GLU C 348 12.27 9.39 -21.78
C GLU C 348 13.33 10.47 -21.62
N SER C 349 14.03 10.74 -22.71
CA SER C 349 15.08 11.75 -22.71
C SER C 349 14.48 13.11 -22.42
N ASP C 350 15.19 13.91 -21.64
CA ASP C 350 14.75 15.26 -21.31
C ASP C 350 13.52 15.36 -20.42
N TRP C 351 13.26 14.27 -19.69
CA TRP C 351 12.13 14.24 -18.77
C TRP C 351 12.72 14.29 -17.37
N LEU C 352 11.90 14.61 -16.38
CA LEU C 352 12.39 14.69 -15.01
C LEU C 352 11.41 14.01 -14.06
N ILE C 353 11.86 13.71 -12.85
CA ILE C 353 11.02 13.09 -11.85
C ILE C 353 10.50 14.18 -10.93
N PHE C 354 9.20 14.17 -10.68
CA PHE C 354 8.53 15.16 -9.82
C PHE C 354 7.85 14.42 -8.67
N ALA C 355 8.16 14.80 -7.44
CA ALA C 355 7.59 14.17 -6.24
C ALA C 355 6.91 15.19 -5.33
N ALA C 356 5.68 14.90 -4.91
CA ALA C 356 4.95 15.78 -4.01
C ALA C 356 4.46 14.96 -2.82
N ASP C 357 4.69 15.46 -1.61
CA ASP C 357 4.27 14.73 -0.42
C ASP C 357 3.48 15.59 0.55
N TYR C 358 2.47 14.98 1.18
CA TYR C 358 1.67 15.71 2.16
C TYR C 358 2.53 15.88 3.41
N SER C 359 2.43 17.05 4.03
CA SER C 359 3.17 17.31 5.26
C SER C 359 2.25 17.06 6.46
N GLN C 360 2.62 16.08 7.29
CA GLN C 360 1.84 15.76 8.48
C GLN C 360 0.35 15.57 8.21
N ILE C 361 -0.02 14.84 7.16
CA ILE C 361 -1.44 14.67 6.89
C ILE C 361 -2.19 13.96 8.02
N GLU C 362 -1.58 12.95 8.63
CA GLU C 362 -2.29 12.24 9.70
C GLU C 362 -2.62 13.14 10.90
N LEU C 363 -1.67 13.96 11.35
CA LEU C 363 -1.95 14.83 12.48
C LEU C 363 -2.94 15.93 12.11
N ARG C 364 -2.94 16.33 10.85
CA ARG C 364 -3.88 17.36 10.38
C ARG C 364 -5.26 16.74 10.36
N VAL C 365 -5.34 15.48 9.93
CA VAL C 365 -6.61 14.78 9.90
C VAL C 365 -7.10 14.62 11.35
N LEU C 366 -6.21 14.29 12.26
CA LEU C 366 -6.58 14.13 13.67
C LEU C 366 -7.14 15.45 14.22
N ALA C 367 -6.47 16.56 13.92
CA ALA C 367 -6.92 17.86 14.38
C ALA C 367 -8.35 18.11 13.89
N HIS C 368 -8.60 17.75 12.63
CA HIS C 368 -9.91 17.90 12.01
C HIS C 368 -10.99 17.05 12.68
N ILE C 369 -10.73 15.75 12.80
CA ILE C 369 -11.69 14.82 13.40
C ILE C 369 -11.96 15.10 14.88
N ALA C 370 -10.90 15.34 15.64
CA ALA C 370 -11.02 15.61 17.07
C ALA C 370 -11.47 17.03 17.38
N GLU C 371 -11.33 17.91 16.39
CA GLU C 371 -11.68 19.31 16.56
C GLU C 371 -10.99 19.87 17.80
N ASP C 372 -9.71 19.56 17.92
CA ASP C 372 -8.93 20.03 19.05
C ASP C 372 -8.46 21.46 18.75
N ASP C 373 -8.92 22.41 19.57
CA ASP C 373 -8.56 23.81 19.37
C ASP C 373 -7.06 24.08 19.29
N ASN C 374 -6.30 23.51 20.22
CA ASN C 374 -4.86 23.73 20.25
C ASN C 374 -4.18 23.13 19.01
N LEU C 375 -4.53 21.89 18.67
CA LEU C 375 -3.93 21.24 17.51
C LEU C 375 -4.34 21.94 16.21
N MET C 376 -5.59 22.38 16.10
CA MET C 376 -6.03 23.06 14.88
C MET C 376 -5.29 24.38 14.73
N GLU C 377 -5.12 25.11 15.83
CA GLU C 377 -4.42 26.39 15.78
C GLU C 377 -2.95 26.18 15.36
N ALA C 378 -2.33 25.12 15.87
CA ALA C 378 -0.94 24.83 15.52
C ALA C 378 -0.79 24.70 14.01
N PHE C 379 -1.69 23.96 13.36
CA PHE C 379 -1.59 23.80 11.93
C PHE C 379 -2.02 25.04 11.16
N ARG C 380 -2.94 25.82 11.74
CA ARG C 380 -3.39 27.04 11.09
C ARG C 380 -2.20 28.01 11.07
N ARG C 381 -1.30 27.88 12.03
CA ARG C 381 -0.10 28.72 12.10
C ARG C 381 1.06 28.03 11.35
N ASP C 382 0.80 26.82 10.85
CA ASP C 382 1.80 26.03 10.13
C ASP C 382 3.07 25.85 10.96
N LEU C 383 2.90 25.62 12.26
CA LEU C 383 4.03 25.43 13.18
C LEU C 383 4.72 24.09 13.00
N ASP C 384 5.95 24.00 13.48
CA ASP C 384 6.67 22.74 13.44
C ASP C 384 5.90 22.00 14.54
N ILE C 385 5.14 20.98 14.16
CA ILE C 385 4.32 20.26 15.13
C ILE C 385 5.07 19.51 16.23
N HIS C 386 6.28 19.06 15.97
CA HIS C 386 7.03 18.35 17.00
C HIS C 386 7.56 19.35 18.05
N THR C 387 8.03 20.50 17.58
CA THR C 387 8.52 21.53 18.49
C THR C 387 7.33 22.02 19.33
N LYS C 388 6.18 22.17 18.67
CA LYS C 388 4.97 22.63 19.35
C LYS C 388 4.58 21.63 20.44
N THR C 389 4.58 20.35 20.12
CA THR C 389 4.21 19.33 21.11
C THR C 389 5.20 19.39 22.29
N ALA C 390 6.49 19.54 21.99
CA ALA C 390 7.51 19.62 23.05
C ALA C 390 7.22 20.79 23.96
N MET C 391 6.98 21.97 23.37
CA MET C 391 6.68 23.16 24.14
C MET C 391 5.53 22.91 25.12
N ASP C 392 4.48 22.25 24.65
CA ASP C 392 3.31 21.98 25.47
C ASP C 392 3.48 20.91 26.55
N ILE C 393 3.94 19.72 26.18
CA ILE C 393 4.08 18.66 27.17
C ILE C 393 5.22 18.88 28.16
N PHE C 394 6.23 19.65 27.76
CA PHE C 394 7.36 19.91 28.66
C PHE C 394 7.29 21.29 29.31
N GLN C 395 6.28 22.07 28.94
CA GLN C 395 6.07 23.40 29.48
C GLN C 395 7.23 24.37 29.34
N VAL C 396 7.68 24.59 28.11
CA VAL C 396 8.77 25.51 27.85
C VAL C 396 8.47 26.34 26.61
N SER C 397 9.13 27.47 26.46
CA SER C 397 8.93 28.32 25.29
C SER C 397 9.64 27.69 24.11
N GLU C 398 9.43 28.22 22.91
CA GLU C 398 10.06 27.67 21.72
C GLU C 398 11.59 27.68 21.83
N ASP C 399 12.14 28.80 22.32
CA ASP C 399 13.59 28.93 22.46
C ASP C 399 14.18 27.91 23.43
N GLU C 400 13.36 27.45 24.36
CA GLU C 400 13.82 26.49 25.37
C GLU C 400 13.69 25.03 24.96
N VAL C 401 13.15 24.77 23.77
CA VAL C 401 13.01 23.38 23.32
C VAL C 401 14.36 22.89 22.83
N THR C 402 14.89 21.86 23.48
CA THR C 402 16.18 21.31 23.10
C THR C 402 15.96 20.19 22.08
N PRO C 403 17.04 19.79 21.38
CA PRO C 403 16.91 18.72 20.39
C PRO C 403 16.36 17.43 20.98
N ASN C 404 16.75 17.10 22.20
CA ASN C 404 16.27 15.86 22.83
C ASN C 404 14.78 15.94 23.12
N MET C 405 14.32 17.12 23.49
CA MET C 405 12.91 17.33 23.77
C MET C 405 12.08 17.13 22.50
N ARG C 406 12.54 17.70 21.39
CA ARG C 406 11.83 17.57 20.12
C ARG C 406 11.80 16.10 19.69
N ARG C 407 12.91 15.39 19.89
CA ARG C 407 12.99 13.98 19.51
C ARG C 407 11.93 13.17 20.27
N GLN C 408 11.82 13.42 21.57
CA GLN C 408 10.84 12.67 22.34
C GLN C 408 9.42 13.08 22.01
N ALA C 409 9.20 14.37 21.72
CA ALA C 409 7.87 14.87 21.36
C ALA C 409 7.45 14.26 20.02
N LYS C 410 8.42 14.07 19.14
CA LYS C 410 8.16 13.47 17.84
C LYS C 410 7.68 12.02 18.05
N ALA C 411 8.32 11.31 18.97
CA ALA C 411 7.93 9.93 19.27
C ALA C 411 6.51 9.91 19.82
N VAL C 412 6.17 10.92 20.60
CA VAL C 412 4.84 11.02 21.16
C VAL C 412 3.84 11.25 20.02
N ASN C 413 4.18 12.13 19.07
CA ASN C 413 3.28 12.40 17.96
C ASN C 413 3.08 11.16 17.07
N PHE C 414 4.13 10.36 16.91
CA PHE C 414 4.03 9.13 16.12
C PHE C 414 3.08 8.17 16.82
N GLY C 415 3.23 8.07 18.14
CA GLY C 415 2.40 7.15 18.91
C GLY C 415 0.96 7.56 19.14
N ILE C 416 0.71 8.85 19.28
CA ILE C 416 -0.64 9.35 19.52
C ILE C 416 -1.63 8.96 18.42
N VAL C 417 -1.18 8.93 17.17
CA VAL C 417 -2.07 8.59 16.07
C VAL C 417 -2.65 7.17 16.16
N TYR C 418 -2.19 6.37 17.11
CA TYR C 418 -2.77 5.03 17.29
C TYR C 418 -2.91 4.68 18.77
N GLY C 419 -3.08 5.71 19.60
CA GLY C 419 -3.23 5.49 21.03
C GLY C 419 -2.18 4.58 21.61
N ILE C 420 -0.93 4.81 21.22
CA ILE C 420 0.19 4.03 21.71
C ILE C 420 0.09 3.89 23.23
N SER C 421 0.34 2.67 23.75
CA SER C 421 0.28 2.43 25.19
C SER C 421 1.54 2.94 25.86
N ASP C 422 1.52 3.03 27.20
CA ASP C 422 2.70 3.49 27.91
C ASP C 422 3.86 2.55 27.67
N TYR C 423 3.57 1.25 27.59
CA TYR C 423 4.62 0.27 27.34
C TYR C 423 5.19 0.42 25.94
N GLY C 424 4.32 0.74 24.98
CA GLY C 424 4.78 0.91 23.61
C GLY C 424 5.67 2.12 23.47
N LEU C 425 5.28 3.23 24.10
CA LEU C 425 6.06 4.45 24.04
C LEU C 425 7.35 4.29 24.86
N ALA C 426 7.24 3.60 25.99
CA ALA C 426 8.39 3.37 26.86
C ALA C 426 9.49 2.63 26.10
N GLN C 427 9.08 1.68 25.26
CA GLN C 427 10.03 0.90 24.47
C GLN C 427 10.67 1.75 23.38
N ASN C 428 9.87 2.59 22.71
CA ASN C 428 10.38 3.43 21.65
C ASN C 428 11.37 4.49 22.13
N LEU C 429 11.12 5.04 23.32
CA LEU C 429 12.00 6.06 23.88
C LEU C 429 12.97 5.48 24.91
N ASN C 430 12.90 4.17 25.12
CA ASN C 430 13.76 3.50 26.08
C ASN C 430 13.69 4.20 27.43
N ILE C 431 12.49 4.26 27.99
CA ILE C 431 12.25 4.88 29.29
C ILE C 431 11.29 3.95 30.04
N SER C 432 10.94 4.30 31.27
CA SER C 432 10.03 3.46 32.04
C SER C 432 8.58 3.65 31.62
N ARG C 433 7.75 2.68 31.99
CA ARG C 433 6.34 2.75 31.66
C ARG C 433 5.72 3.98 32.31
N LYS C 434 6.09 4.23 33.57
CA LYS C 434 5.56 5.38 34.29
C LYS C 434 5.95 6.70 33.63
N GLU C 435 7.21 6.81 33.20
CA GLU C 435 7.67 8.03 32.55
C GLU C 435 6.89 8.27 31.25
N ALA C 436 6.72 7.22 30.46
CA ALA C 436 5.99 7.32 29.21
C ALA C 436 4.53 7.71 29.47
N ALA C 437 3.96 7.13 30.52
CA ALA C 437 2.58 7.43 30.89
C ALA C 437 2.44 8.91 31.22
N GLU C 438 3.46 9.47 31.87
CA GLU C 438 3.44 10.88 32.24
C GLU C 438 3.45 11.75 30.97
N PHE C 439 4.24 11.36 29.97
CA PHE C 439 4.30 12.12 28.72
C PHE C 439 2.91 12.15 28.07
N ILE C 440 2.31 10.98 27.93
CA ILE C 440 0.99 10.85 27.33
C ILE C 440 -0.04 11.69 28.08
N GLU C 441 -0.03 11.61 29.40
CA GLU C 441 -0.95 12.38 30.21
C GLU C 441 -0.74 13.87 29.94
N ARG C 442 0.52 14.29 29.89
CA ARG C 442 0.84 15.68 29.62
C ARG C 442 0.27 16.05 28.24
N TYR C 443 0.41 15.14 27.28
CA TYR C 443 -0.11 15.41 25.94
C TYR C 443 -1.62 15.63 25.97
N PHE C 444 -2.35 14.79 26.68
CA PHE C 444 -3.80 14.92 26.75
C PHE C 444 -4.25 16.19 27.47
N GLU C 445 -3.43 16.69 28.37
CA GLU C 445 -3.78 17.91 29.08
C GLU C 445 -3.63 19.09 28.12
N SER C 446 -2.67 18.98 27.20
CA SER C 446 -2.43 20.03 26.22
C SER C 446 -3.38 19.94 25.02
N PHE C 447 -3.84 18.74 24.71
CA PHE C 447 -4.74 18.53 23.57
C PHE C 447 -5.97 17.75 24.04
N PRO C 448 -6.81 18.37 24.88
CA PRO C 448 -8.03 17.74 25.40
C PRO C 448 -8.99 17.22 24.35
N GLY C 449 -9.04 17.87 23.19
CA GLY C 449 -9.93 17.41 22.13
C GLY C 449 -9.50 16.05 21.62
N VAL C 450 -8.19 15.83 21.55
CA VAL C 450 -7.66 14.55 21.09
C VAL C 450 -8.01 13.47 22.12
N LYS C 451 -7.91 13.81 23.40
CA LYS C 451 -8.24 12.84 24.44
C LYS C 451 -9.72 12.47 24.28
N ARG C 452 -10.57 13.48 24.09
CA ARG C 452 -12.00 13.25 23.92
C ARG C 452 -12.26 12.33 22.72
N TYR C 453 -11.57 12.58 21.62
CA TYR C 453 -11.72 11.76 20.42
C TYR C 453 -11.34 10.30 20.67
N MET C 454 -10.19 10.09 21.31
CA MET C 454 -9.73 8.73 21.58
C MET C 454 -10.74 7.99 22.47
N GLU C 455 -11.30 8.69 23.44
CA GLU C 455 -12.29 8.10 24.32
C GLU C 455 -13.57 7.79 23.54
N ASN C 456 -14.06 8.77 22.79
CA ASN C 456 -15.28 8.61 22.01
C ASN C 456 -15.22 7.58 20.88
N ILE C 457 -14.10 7.53 20.17
CA ILE C 457 -13.98 6.58 19.06
C ILE C 457 -13.98 5.13 19.56
N VAL C 458 -13.38 4.88 20.71
CA VAL C 458 -13.35 3.54 21.27
C VAL C 458 -14.77 3.13 21.66
N GLN C 459 -15.52 4.05 22.25
CA GLN C 459 -16.89 3.76 22.63
C GLN C 459 -17.78 3.57 21.40
N GLU C 460 -17.50 4.33 20.36
CA GLU C 460 -18.28 4.23 19.12
C GLU C 460 -18.01 2.87 18.48
N ALA C 461 -16.76 2.44 18.52
CA ALA C 461 -16.38 1.15 17.95
C ALA C 461 -17.13 0.04 18.67
N LYS C 462 -17.23 0.15 19.99
CA LYS C 462 -17.93 -0.86 20.75
C LYS C 462 -19.43 -0.83 20.45
N GLN C 463 -20.01 0.37 20.33
CA GLN C 463 -21.44 0.51 20.07
C GLN C 463 -21.87 0.01 18.69
N LYS C 464 -21.19 0.50 17.66
CA LYS C 464 -21.50 0.12 16.29
C LYS C 464 -20.83 -1.15 15.79
N GLY C 465 -19.67 -1.49 16.34
CA GLY C 465 -18.97 -2.68 15.91
C GLY C 465 -17.90 -2.41 14.87
N TYR C 466 -17.78 -1.15 14.47
CA TYR C 466 -16.79 -0.74 13.46
C TYR C 466 -16.51 0.76 13.57
N VAL C 467 -15.48 1.22 12.87
CA VAL C 467 -15.15 2.63 12.83
C VAL C 467 -15.08 3.00 11.36
N THR C 468 -15.22 4.29 11.05
CA THR C 468 -15.21 4.72 9.66
C THR C 468 -14.26 5.87 9.40
N THR C 469 -13.97 6.09 8.11
CA THR C 469 -13.08 7.16 7.68
C THR C 469 -13.89 8.28 7.04
N LEU C 470 -13.20 9.35 6.70
CA LEU C 470 -13.82 10.53 6.07
C LEU C 470 -14.73 10.17 4.89
N LEU C 471 -14.27 9.27 4.03
CA LEU C 471 -15.07 8.90 2.86
C LEU C 471 -15.93 7.64 3.03
N HIS C 472 -16.12 7.24 4.28
CA HIS C 472 -16.96 6.11 4.65
C HIS C 472 -16.40 4.71 4.49
N ARG C 473 -15.08 4.60 4.49
CA ARG C 473 -14.45 3.29 4.43
C ARG C 473 -14.71 2.77 5.84
N ARG C 474 -14.81 1.46 6.03
CA ARG C 474 -15.04 0.97 7.37
C ARG C 474 -14.18 -0.24 7.72
N ARG C 475 -14.02 -0.44 9.02
CA ARG C 475 -13.24 -1.56 9.54
C ARG C 475 -13.93 -2.09 10.78
N TYR C 476 -14.31 -3.37 10.74
CA TYR C 476 -14.97 -4.00 11.87
C TYR C 476 -13.94 -4.35 12.92
N LEU C 477 -14.29 -4.17 14.20
CA LEU C 477 -13.37 -4.48 15.29
C LEU C 477 -14.03 -5.34 16.37
N PRO C 478 -14.31 -6.62 16.06
CA PRO C 478 -14.93 -7.51 17.04
C PRO C 478 -14.13 -7.71 18.33
N ASP C 479 -12.81 -7.60 18.25
CA ASP C 479 -11.97 -7.77 19.43
C ASP C 479 -12.12 -6.64 20.43
N ILE C 480 -12.84 -5.59 20.05
CA ILE C 480 -13.02 -4.45 20.94
C ILE C 480 -13.76 -4.82 22.23
N THR C 481 -14.47 -5.94 22.20
CA THR C 481 -15.25 -6.40 23.36
C THR C 481 -14.64 -7.58 24.11
N SER C 482 -13.44 -7.99 23.71
CA SER C 482 -12.77 -9.12 24.36
C SER C 482 -12.43 -8.85 25.82
N ARG C 483 -12.52 -9.88 26.65
CA ARG C 483 -12.19 -9.73 28.07
C ARG C 483 -10.70 -9.91 28.32
N ASN C 484 -9.96 -10.18 27.24
CA ASN C 484 -8.51 -10.33 27.31
C ASN C 484 -7.93 -8.93 27.07
N PHE C 485 -7.26 -8.39 28.08
CA PHE C 485 -6.69 -7.05 28.01
C PHE C 485 -5.85 -6.74 26.78
N ASN C 486 -4.90 -7.61 26.45
CA ASN C 486 -4.02 -7.40 25.31
C ASN C 486 -4.77 -7.37 23.99
N VAL C 487 -5.65 -8.35 23.78
CA VAL C 487 -6.44 -8.41 22.55
C VAL C 487 -7.33 -7.17 22.43
N ARG C 488 -8.00 -6.82 23.52
CA ARG C 488 -8.89 -5.66 23.52
C ARG C 488 -8.14 -4.36 23.27
N SER C 489 -6.98 -4.20 23.92
CA SER C 489 -6.19 -2.98 23.77
C SER C 489 -5.75 -2.78 22.32
N PHE C 490 -5.38 -3.87 21.67
CA PHE C 490 -4.94 -3.83 20.28
C PHE C 490 -6.11 -3.35 19.42
N ALA C 491 -7.30 -3.86 19.70
CA ALA C 491 -8.49 -3.44 18.96
C ALA C 491 -8.75 -1.97 19.21
N GLU C 492 -8.52 -1.52 20.44
CA GLU C 492 -8.72 -0.12 20.79
C GLU C 492 -7.75 0.78 20.02
N ARG C 493 -6.51 0.34 19.88
CA ARG C 493 -5.53 1.14 19.15
C ARG C 493 -5.96 1.23 17.68
N MET C 494 -6.50 0.14 17.14
CA MET C 494 -6.97 0.13 15.76
C MET C 494 -8.14 1.10 15.61
N ALA C 495 -8.99 1.16 16.62
CA ALA C 495 -10.15 2.06 16.58
C ALA C 495 -9.70 3.52 16.51
N MET C 496 -8.66 3.84 17.26
CA MET C 496 -8.14 5.18 17.28
C MET C 496 -7.36 5.52 16.01
N ASN C 497 -6.61 4.55 15.50
CA ASN C 497 -5.78 4.75 14.31
C ASN C 497 -6.44 4.67 12.93
N THR C 498 -7.36 3.73 12.75
CA THR C 498 -7.99 3.56 11.44
C THR C 498 -8.65 4.81 10.86
N PRO C 499 -9.42 5.57 11.66
CA PRO C 499 -10.04 6.75 11.07
C PRO C 499 -8.96 7.74 10.58
N ILE C 500 -7.79 7.72 11.24
CA ILE C 500 -6.71 8.63 10.87
C ILE C 500 -5.93 8.15 9.65
N GLN C 501 -5.32 6.97 9.74
CA GLN C 501 -4.55 6.41 8.63
C GLN C 501 -5.49 6.19 7.44
N GLY C 502 -6.71 5.75 7.73
CA GLY C 502 -7.69 5.49 6.70
C GLY C 502 -8.13 6.73 5.95
N SER C 503 -8.43 7.81 6.67
CA SER C 503 -8.84 9.04 6.02
C SER C 503 -7.67 9.63 5.21
N ALA C 504 -6.44 9.45 5.69
CA ALA C 504 -5.28 9.97 4.94
C ALA C 504 -5.21 9.19 3.61
N ALA C 505 -5.60 7.91 3.65
CA ALA C 505 -5.59 7.08 2.45
C ALA C 505 -6.67 7.56 1.49
N ASP C 506 -7.85 7.86 2.04
CA ASP C 506 -8.98 8.35 1.25
C ASP C 506 -8.58 9.61 0.49
N ILE C 507 -7.98 10.55 1.22
CA ILE C 507 -7.58 11.83 0.65
C ILE C 507 -6.58 11.72 -0.49
N ILE C 508 -5.50 10.98 -0.30
CA ILE C 508 -4.52 10.87 -1.38
C ILE C 508 -5.11 10.13 -2.58
N LYS C 509 -6.01 9.18 -2.33
CA LYS C 509 -6.65 8.46 -3.43
C LYS C 509 -7.50 9.42 -4.27
N LYS C 510 -8.22 10.32 -3.60
CA LYS C 510 -9.05 11.27 -4.32
C LYS C 510 -8.16 12.27 -5.07
N ALA C 511 -7.05 12.64 -4.46
CA ALA C 511 -6.12 13.57 -5.08
C ALA C 511 -5.64 12.97 -6.40
N MET C 512 -5.38 11.66 -6.39
CA MET C 512 -4.90 10.97 -7.60
C MET C 512 -5.93 11.07 -8.71
N ILE C 513 -7.20 10.86 -8.37
CA ILE C 513 -8.26 10.96 -9.35
C ILE C 513 -8.37 12.41 -9.84
N ASP C 514 -8.41 13.36 -8.90
CA ASP C 514 -8.49 14.77 -9.27
C ASP C 514 -7.30 15.18 -10.14
N LEU C 515 -6.10 14.71 -9.78
CA LEU C 515 -4.90 15.05 -10.53
C LEU C 515 -4.93 14.57 -11.97
N ASN C 516 -5.31 13.31 -12.19
CA ASN C 516 -5.38 12.79 -13.55
C ASN C 516 -6.40 13.54 -14.40
N ALA C 517 -7.49 13.96 -13.79
CA ALA C 517 -8.49 14.70 -14.53
C ALA C 517 -7.88 16.04 -14.97
N ARG C 518 -7.10 16.67 -14.09
CA ARG C 518 -6.48 17.94 -14.39
C ARG C 518 -5.41 17.82 -15.47
N LEU C 519 -4.57 16.79 -15.35
CA LEU C 519 -3.51 16.56 -16.34
C LEU C 519 -4.12 16.38 -17.72
N LYS C 520 -5.24 15.67 -17.79
CA LYS C 520 -5.91 15.44 -19.07
C LYS C 520 -6.50 16.73 -19.64
N GLU C 521 -7.16 17.53 -18.80
CA GLU C 521 -7.75 18.78 -19.23
C GLU C 521 -6.67 19.70 -19.81
N GLU C 522 -5.50 19.71 -19.17
CA GLU C 522 -4.40 20.56 -19.62
C GLU C 522 -3.58 19.89 -20.73
N ARG C 523 -3.92 18.64 -21.04
CA ARG C 523 -3.20 17.85 -22.04
C ARG C 523 -1.70 17.87 -21.77
N LEU C 524 -1.34 17.62 -20.52
CA LEU C 524 0.08 17.57 -20.15
C LEU C 524 0.52 16.13 -20.38
N GLN C 525 1.79 15.94 -20.71
CA GLN C 525 2.32 14.60 -20.93
C GLN C 525 2.67 13.93 -19.61
N ALA C 526 2.77 14.74 -18.56
CA ALA C 526 3.09 14.22 -17.24
C ALA C 526 2.10 13.14 -16.84
N HIS C 527 2.59 12.14 -16.11
CA HIS C 527 1.72 11.08 -15.64
C HIS C 527 2.27 10.47 -14.36
N LEU C 528 1.38 9.88 -13.57
CA LEU C 528 1.74 9.26 -12.32
C LEU C 528 2.56 7.99 -12.52
N LEU C 529 3.51 7.76 -11.63
CA LEU C 529 4.33 6.56 -11.66
C LEU C 529 4.09 5.73 -10.41
N LEU C 530 4.17 6.38 -9.26
CA LEU C 530 3.99 5.68 -7.98
C LEU C 530 3.27 6.53 -6.94
N GLN C 531 2.82 5.86 -5.88
CA GLN C 531 2.16 6.50 -4.76
C GLN C 531 2.74 5.76 -3.55
N VAL C 532 3.23 6.52 -2.56
CA VAL C 532 3.81 5.90 -1.37
C VAL C 532 3.13 6.38 -0.08
N HIS C 533 1.83 6.14 0.00
CA HIS C 533 1.02 6.50 1.16
C HIS C 533 0.78 7.99 1.36
N ASP C 534 1.85 8.79 1.44
CA ASP C 534 1.72 10.23 1.66
C ASP C 534 2.24 11.04 0.48
N GLU C 535 2.74 10.35 -0.54
CA GLU C 535 3.35 11.03 -1.68
C GLU C 535 2.99 10.48 -3.05
N LEU C 536 3.09 11.34 -4.05
CA LEU C 536 2.82 10.99 -5.43
C LEU C 536 4.09 11.30 -6.23
N ILE C 537 4.52 10.33 -7.04
CA ILE C 537 5.71 10.51 -7.84
C ILE C 537 5.30 10.44 -9.30
N LEU C 538 5.69 11.45 -10.07
CA LEU C 538 5.36 11.51 -11.50
C LEU C 538 6.63 11.72 -12.30
N GLU C 539 6.50 11.65 -13.61
CA GLU C 539 7.61 11.95 -14.51
C GLU C 539 6.98 12.79 -15.61
N ALA C 540 7.74 13.72 -16.18
CA ALA C 540 7.21 14.56 -17.23
C ALA C 540 8.35 15.31 -17.95
N PRO C 541 8.05 15.91 -19.10
CA PRO C 541 9.04 16.67 -19.86
C PRO C 541 9.58 17.77 -18.97
N LYS C 542 10.84 18.14 -19.14
CA LYS C 542 11.41 19.20 -18.32
C LYS C 542 10.62 20.49 -18.52
N GLU C 543 10.00 20.63 -19.68
CA GLU C 543 9.22 21.83 -20.00
C GLU C 543 7.90 21.95 -19.22
N GLU C 544 7.51 20.89 -18.52
CA GLU C 544 6.27 20.91 -17.76
C GLU C 544 6.45 21.14 -16.27
N MET C 545 7.70 21.16 -15.81
CA MET C 545 7.97 21.35 -14.39
C MET C 545 7.32 22.59 -13.77
N GLU C 546 7.47 23.75 -14.40
CA GLU C 546 6.88 24.95 -13.83
C GLU C 546 5.37 24.82 -13.65
N ARG C 547 4.69 24.20 -14.60
CA ARG C 547 3.25 24.03 -14.47
C ARG C 547 2.93 23.01 -13.38
N LEU C 548 3.73 21.96 -13.26
CA LEU C 548 3.50 20.94 -12.23
C LEU C 548 3.72 21.50 -10.83
N CYS C 549 4.70 22.41 -10.70
CA CYS C 549 5.00 23.02 -9.42
C CYS C 549 3.77 23.71 -8.82
N ARG C 550 2.89 24.17 -9.68
CA ARG C 550 1.67 24.85 -9.22
C ARG C 550 0.47 23.91 -9.18
N LEU C 551 0.33 23.10 -10.22
CA LEU C 551 -0.79 22.19 -10.35
C LEU C 551 -0.87 21.04 -9.35
N VAL C 552 0.21 20.27 -9.22
CA VAL C 552 0.19 19.13 -8.31
C VAL C 552 -0.12 19.47 -6.84
N PRO C 553 0.62 20.42 -6.23
CA PRO C 553 0.34 20.77 -4.83
C PRO C 553 -1.10 21.23 -4.62
N GLU C 554 -1.59 22.06 -5.53
CA GLU C 554 -2.96 22.59 -5.44
C GLU C 554 -4.01 21.48 -5.45
N VAL C 555 -3.91 20.57 -6.42
CA VAL C 555 -4.87 19.47 -6.52
C VAL C 555 -4.83 18.63 -5.24
N MET C 556 -3.62 18.32 -4.76
CA MET C 556 -3.49 17.53 -3.54
C MET C 556 -4.01 18.27 -2.31
N GLU C 557 -3.76 19.57 -2.27
CA GLU C 557 -4.19 20.38 -1.14
C GLU C 557 -5.70 20.61 -1.13
N GLN C 558 -6.32 20.59 -2.31
CA GLN C 558 -7.76 20.83 -2.41
C GLN C 558 -8.62 19.58 -2.57
N ALA C 559 -8.01 18.40 -2.48
CA ALA C 559 -8.74 17.13 -2.64
C ALA C 559 -9.95 17.06 -1.71
N VAL C 560 -9.77 17.47 -0.46
CA VAL C 560 -10.85 17.50 0.51
C VAL C 560 -10.69 18.80 1.29
N THR C 561 -11.76 19.27 1.90
CA THR C 561 -11.70 20.50 2.68
C THR C 561 -11.85 20.15 4.15
N LEU C 562 -10.80 20.38 4.93
CA LEU C 562 -10.82 20.09 6.36
C LEU C 562 -10.86 21.38 7.16
N ARG C 563 -10.92 21.24 8.49
CA ARG C 563 -10.96 22.39 9.38
C ARG C 563 -9.58 23.04 9.47
N VAL C 564 -8.57 22.34 8.95
CA VAL C 564 -7.22 22.87 8.91
C VAL C 564 -6.76 22.71 7.48
N PRO C 565 -5.82 23.55 7.05
CA PRO C 565 -5.38 23.39 5.66
C PRO C 565 -4.50 22.16 5.49
N LEU C 566 -4.37 21.71 4.25
CA LEU C 566 -3.51 20.57 3.94
C LEU C 566 -2.28 21.20 3.29
N LYS C 567 -1.10 20.73 3.65
CA LYS C 567 0.13 21.29 3.10
C LYS C 567 0.88 20.25 2.31
N VAL C 568 1.34 20.63 1.12
CA VAL C 568 2.07 19.72 0.26
C VAL C 568 3.43 20.29 -0.14
N ASP C 569 4.47 19.50 0.02
CA ASP C 569 5.81 19.92 -0.36
C ASP C 569 6.12 19.20 -1.66
N TYR C 570 7.03 19.76 -2.46
CA TYR C 570 7.35 19.14 -3.73
C TYR C 570 8.79 19.43 -4.18
N HIS C 571 9.32 18.51 -4.98
CA HIS C 571 10.69 18.63 -5.49
C HIS C 571 10.75 17.88 -6.82
N TYR C 572 11.75 18.18 -7.64
CA TYR C 572 11.90 17.47 -8.90
C TYR C 572 13.38 17.41 -9.29
N GLY C 573 13.75 16.41 -10.08
CA GLY C 573 15.13 16.28 -10.48
C GLY C 573 15.35 15.22 -11.54
N SER C 574 16.61 15.01 -11.91
CA SER C 574 16.97 14.05 -12.95
C SER C 574 16.71 12.60 -12.55
N THR C 575 16.63 12.34 -11.25
CA THR C 575 16.35 11.00 -10.75
C THR C 575 15.46 11.16 -9.52
N TRP C 576 14.90 10.04 -9.05
CA TRP C 576 14.05 10.08 -7.87
C TRP C 576 14.86 10.61 -6.69
N TYR C 577 16.13 10.24 -6.62
CA TYR C 577 17.01 10.71 -5.54
C TYR C 577 17.10 12.23 -5.55
N ASP C 578 17.25 12.79 -6.74
CA ASP C 578 17.39 14.23 -6.92
C ASP C 578 16.11 15.02 -6.67
N ALA C 579 14.98 14.33 -6.69
CA ALA C 579 13.70 14.97 -6.45
C ALA C 579 13.57 15.24 -4.95
N LYS C 580 14.52 16.02 -4.42
CA LYS C 580 14.56 16.38 -3.01
C LYS C 580 14.96 17.84 -2.86
#